data_4ME8
#
_entry.id   4ME8
#
_cell.length_a   37.488
_cell.length_b   37.488
_cell.length_c   169.046
_cell.angle_alpha   90.000
_cell.angle_beta   90.000
_cell.angle_gamma   90.000
#
_symmetry.space_group_name_H-M   'P 41 21 2'
#
loop_
_entity.id
_entity.type
_entity.pdbx_description
1 polymer 'Signal peptidase I'
2 non-polymer 1,2-ETHANEDIOL
3 water water
#
_entity_poly.entity_id   1
_entity_poly.type   'polypeptide(L)'
_entity_poly.pdbx_seq_one_letter_code
;GAAVNGSS(MSE)EPTLHNNDRLWVTSIKKPQRFDIIAFPSPRNGQRVAKRLIGLPGETVEYRDDTLYINGVSLSEDYLA
SAKRNVSKNENYTQDFTLETLEATQSLTVPEG(MSE)YFVLGDNRPRSDDSRYFGFVKQASVEGVLTFRYYPLDKIGFP
;
_entity_poly.pdbx_strand_id   A
#
loop_
_chem_comp.id
_chem_comp.type
_chem_comp.name
_chem_comp.formula
EDO non-polymer 1,2-ETHANEDIOL 'C2 H6 O2'
#
# COMPACT_ATOMS: atom_id res chain seq x y z
N SER A 23 -17.52 16.69 -6.91
CA SER A 23 -16.08 16.90 -6.56
C SER A 23 -15.33 15.56 -6.45
N ILE A 24 -14.77 15.12 -7.57
CA ILE A 24 -13.96 13.90 -7.60
C ILE A 24 -12.52 14.30 -7.27
N LYS A 25 -12.09 14.04 -6.05
CA LYS A 25 -10.75 14.44 -5.62
C LYS A 25 -9.69 13.53 -6.26
N LYS A 26 -8.57 14.13 -6.67
CA LYS A 26 -7.41 13.38 -7.15
C LYS A 26 -6.79 12.67 -5.93
N PRO A 27 -6.66 11.33 -5.97
CA PRO A 27 -6.20 10.63 -4.76
C PRO A 27 -4.82 11.07 -4.29
N GLN A 28 -4.67 11.21 -2.98
CA GLN A 28 -3.40 11.62 -2.36
C GLN A 28 -2.97 10.49 -1.43
N ARG A 29 -1.72 10.48 -1.01
CA ARG A 29 -1.21 9.43 -0.12
C ARG A 29 -2.01 9.29 1.17
N PHE A 30 -2.28 8.04 1.54
CA PHE A 30 -3.05 7.68 2.73
C PHE A 30 -4.58 7.82 2.55
N ASP A 31 -5.00 8.26 1.37
CA ASP A 31 -6.41 8.14 0.99
C ASP A 31 -6.77 6.67 0.85
N ILE A 32 -8.02 6.35 1.19
CA ILE A 32 -8.57 5.03 0.97
C ILE A 32 -9.28 5.06 -0.37
N ILE A 33 -8.99 4.06 -1.20
CA ILE A 33 -9.52 4.02 -2.56
C ILE A 33 -10.16 2.68 -2.89
N ALA A 34 -11.27 2.74 -3.64
CA ALA A 34 -11.96 1.54 -4.07
C ALA A 34 -11.67 1.28 -5.55
N PHE A 35 -11.47 -0.01 -5.88
CA PHE A 35 -11.04 -0.45 -7.21
C PHE A 35 -11.26 -1.97 -7.38
N PRO A 36 -11.40 -2.44 -8.63
CA PRO A 36 -11.48 -3.89 -8.81
C PRO A 36 -10.12 -4.53 -8.53
N SER A 37 -10.10 -5.59 -7.74
CA SER A 37 -8.86 -6.28 -7.40
C SER A 37 -8.13 -6.76 -8.66
N PRO A 38 -6.82 -6.49 -8.76
CA PRO A 38 -6.01 -7.01 -9.87
C PRO A 38 -5.99 -8.52 -9.94
N ARG A 39 -6.26 -9.18 -8.82
CA ARG A 39 -6.34 -10.64 -8.79
C ARG A 39 -7.58 -11.15 -9.49
N ASN A 40 -8.76 -10.79 -8.98
CA ASN A 40 -10.02 -11.41 -9.42
C ASN A 40 -11.12 -10.45 -9.86
N GLY A 41 -10.82 -9.16 -9.92
CA GLY A 41 -11.82 -8.15 -10.30
C GLY A 41 -12.88 -7.80 -9.25
N GLN A 42 -12.74 -8.32 -8.02
CA GLN A 42 -13.70 -8.06 -6.95
C GLN A 42 -13.45 -6.67 -6.37
N ARG A 43 -14.51 -5.89 -6.22
CA ARG A 43 -14.35 -4.57 -5.64
C ARG A 43 -13.73 -4.70 -4.25
N VAL A 44 -12.71 -3.91 -3.97
CA VAL A 44 -12.04 -3.94 -2.69
C VAL A 44 -11.58 -2.53 -2.34
N ALA A 45 -11.34 -2.29 -1.05
CA ALA A 45 -10.89 -1.00 -0.57
C ALA A 45 -9.51 -1.16 0.03
N LYS A 46 -8.58 -0.30 -0.38
CA LYS A 46 -7.22 -0.29 0.18
C LYS A 46 -6.71 1.14 0.30
N ARG A 47 -5.65 1.30 1.10
CA ARG A 47 -5.00 2.58 1.31
C ARG A 47 -3.91 2.86 0.27
N LEU A 48 -3.96 4.07 -0.29
CA LEU A 48 -2.97 4.53 -1.24
C LEU A 48 -1.68 4.81 -0.47
N ILE A 49 -0.60 4.13 -0.86
CA ILE A 49 0.69 4.22 -0.17
C ILE A 49 1.76 4.79 -1.10
N GLY A 50 1.84 4.24 -2.30
CA GLY A 50 2.82 4.70 -3.29
C GLY A 50 2.19 5.24 -4.55
N LEU A 51 2.74 6.35 -5.02
CA LEU A 51 2.27 7.10 -6.19
C LEU A 51 3.34 7.00 -7.28
N PRO A 52 2.98 7.28 -8.56
CA PRO A 52 3.91 7.17 -9.70
C PRO A 52 5.28 7.84 -9.47
N GLY A 53 6.35 7.08 -9.77
CA GLY A 53 7.70 7.62 -9.69
C GLY A 53 8.42 7.33 -8.39
N GLU A 54 7.67 6.99 -7.36
CA GLU A 54 8.21 6.81 -6.02
C GLU A 54 8.76 5.42 -5.73
N THR A 55 9.82 5.36 -4.93
CA THR A 55 10.25 4.10 -4.32
C THR A 55 9.45 3.88 -3.02
N VAL A 56 9.14 2.63 -2.72
CA VAL A 56 8.45 2.26 -1.49
C VAL A 56 9.26 1.22 -0.76
N GLU A 57 9.54 1.47 0.51
CA GLU A 57 10.26 0.52 1.34
C GLU A 57 9.64 0.45 2.73
N TYR A 58 9.58 -0.76 3.25
CA TYR A 58 9.35 -0.98 4.67
C TYR A 58 10.60 -1.62 5.24
N ARG A 59 11.13 -1.02 6.30
CA ARG A 59 12.25 -1.57 7.05
C ARG A 59 11.97 -1.32 8.54
N ASP A 60 12.01 -2.40 9.33
CA ASP A 60 11.74 -2.35 10.77
C ASP A 60 10.37 -1.74 11.10
N ASP A 61 9.40 -2.05 10.24
CA ASP A 61 8.00 -1.66 10.41
C ASP A 61 7.71 -0.18 10.14
N THR A 62 8.66 0.50 9.49
CA THR A 62 8.51 1.91 9.16
C THR A 62 8.42 2.09 7.66
N LEU A 63 7.48 2.94 7.22
CA LEU A 63 7.29 3.25 5.80
C LEU A 63 8.28 4.30 5.30
N TYR A 64 8.98 3.96 4.22
CA TYR A 64 9.88 4.85 3.52
C TYR A 64 9.39 5.07 2.07
N ILE A 65 9.11 6.32 1.71
CA ILE A 65 8.79 6.71 0.35
C ILE A 65 9.89 7.61 -0.15
N ASN A 66 10.59 7.20 -1.20
CA ASN A 66 11.76 7.93 -1.69
C ASN A 66 12.74 8.16 -0.54
N GLY A 67 12.90 7.14 0.31
CA GLY A 67 13.80 7.21 1.45
C GLY A 67 13.34 8.11 2.59
N VAL A 68 12.11 8.61 2.52
CA VAL A 68 11.58 9.52 3.51
C VAL A 68 10.65 8.75 4.44
N SER A 69 11.00 8.75 5.72
CA SER A 69 10.24 8.08 6.76
C SER A 69 8.89 8.77 6.96
N LEU A 70 7.81 8.00 6.99
CA LEU A 70 6.46 8.52 7.18
C LEU A 70 5.74 7.75 8.28
N SER A 71 5.14 8.46 9.22
CA SER A 71 4.35 7.79 10.26
C SER A 71 3.01 7.28 9.72
N GLU A 72 2.42 6.34 10.46
CA GLU A 72 1.11 5.77 10.14
C GLU A 72 0.33 5.61 11.44
N ASP A 73 -0.25 6.71 11.92
CA ASP A 73 -0.98 6.72 13.19
C ASP A 73 -2.21 5.82 13.19
N TYR A 74 -2.71 5.50 12.00
CA TYR A 74 -3.80 4.53 11.84
C TYR A 74 -3.40 3.06 12.07
N LEU A 75 -2.10 2.77 12.07
CA LEU A 75 -1.60 1.43 12.38
C LEU A 75 -1.21 1.22 13.86
N ALA A 76 -1.12 2.29 14.62
CA ALA A 76 -0.61 2.23 15.99
C ALA A 76 -1.52 1.41 16.88
N SER A 77 -2.82 1.56 16.68
CA SER A 77 -3.82 0.87 17.49
C SER A 77 -3.78 -0.65 17.24
N ALA A 78 -3.59 -1.05 15.99
CA ALA A 78 -3.44 -2.46 15.64
C ALA A 78 -2.09 -3.02 16.10
N LYS A 79 -1.03 -2.22 15.98
CA LYS A 79 0.31 -2.64 16.37
C LYS A 79 0.45 -2.86 17.89
N ARG A 80 -0.57 -2.49 18.66
CA ARG A 80 -0.60 -2.75 20.12
C ARG A 80 -0.91 -4.21 20.51
N ASN A 81 -1.25 -5.04 19.52
CA ASN A 81 -1.64 -6.43 19.77
C ASN A 81 -0.75 -7.48 19.08
N VAL A 82 0.48 -7.09 18.74
CA VAL A 82 1.44 -8.01 18.10
C VAL A 82 2.48 -8.47 19.13
N SER A 83 3.74 -8.08 18.99
CA SER A 83 4.78 -8.56 19.91
C SER A 83 6.06 -7.74 19.81
N LYS A 84 6.98 -8.00 20.74
CA LYS A 84 8.33 -7.42 20.69
C LYS A 84 9.00 -7.83 19.39
N ASN A 85 9.04 -9.14 19.14
CA ASN A 85 9.65 -9.69 17.94
C ASN A 85 8.98 -9.22 16.63
N GLU A 86 7.72 -9.61 16.44
CA GLU A 86 7.06 -9.52 15.12
C GLU A 86 6.82 -8.10 14.59
N ASN A 87 7.31 -7.84 13.38
CA ASN A 87 6.94 -6.63 12.61
C ASN A 87 5.58 -6.85 11.94
N TYR A 88 4.70 -5.87 12.10
CA TYR A 88 3.34 -5.92 11.55
C TYR A 88 3.36 -6.02 10.02
N THR A 89 4.26 -5.25 9.40
CA THR A 89 4.49 -5.29 7.96
C THR A 89 5.92 -5.78 7.73
N GLN A 90 6.07 -6.79 6.88
CA GLN A 90 7.39 -7.38 6.63
C GLN A 90 8.28 -6.39 5.88
N ASP A 91 9.59 -6.53 6.08
CA ASP A 91 10.56 -5.77 5.29
C ASP A 91 10.38 -6.05 3.79
N PHE A 92 10.33 -4.98 3.00
CA PHE A 92 10.34 -5.13 1.55
C PHE A 92 10.70 -3.81 0.88
N THR A 93 11.14 -3.92 -0.36
CA THR A 93 11.11 -2.83 -1.33
C THR A 93 10.25 -3.29 -2.52
N LEU A 94 10.03 -2.40 -3.48
CA LEU A 94 9.35 -2.79 -4.71
C LEU A 94 10.23 -3.75 -5.54
N GLU A 95 11.52 -3.81 -5.25
CA GLU A 95 12.40 -4.82 -5.87
C GLU A 95 12.34 -6.18 -5.17
N THR A 96 12.04 -6.19 -3.87
CA THR A 96 11.95 -7.43 -3.08
C THR A 96 10.70 -8.25 -3.39
N LEU A 97 9.64 -7.58 -3.82
CA LEU A 97 8.36 -8.22 -3.98
C LEU A 97 8.26 -8.88 -5.34
N GLU A 98 7.99 -10.19 -5.31
CA GLU A 98 7.69 -10.99 -6.49
C GLU A 98 6.60 -10.28 -7.32
N ALA A 99 5.56 -9.79 -6.66
CA ALA A 99 4.45 -9.14 -7.35
C ALA A 99 4.75 -7.78 -8.04
N THR A 100 5.86 -7.13 -7.69
CA THR A 100 6.21 -5.83 -8.32
C THR A 100 7.50 -5.86 -9.14
N GLN A 101 8.59 -6.34 -8.53
CA GLN A 101 9.93 -6.37 -9.16
C GLN A 101 10.26 -5.13 -9.99
N SER A 102 10.42 -4.01 -9.30
CA SER A 102 10.47 -2.70 -9.93
C SER A 102 11.15 -1.70 -8.98
N LEU A 103 11.90 -0.74 -9.52
CA LEU A 103 12.53 0.28 -8.69
C LEU A 103 11.47 1.22 -8.13
N THR A 104 10.55 1.63 -9.00
CA THR A 104 9.55 2.63 -8.67
C THR A 104 8.14 2.23 -9.13
N VAL A 105 7.16 2.94 -8.61
CA VAL A 105 5.77 2.78 -9.05
C VAL A 105 5.66 3.30 -10.48
N PRO A 106 5.16 2.47 -11.41
CA PRO A 106 5.08 2.91 -12.81
C PRO A 106 4.12 4.07 -13.04
N GLU A 107 4.31 4.77 -14.15
CA GLU A 107 3.42 5.85 -14.54
C GLU A 107 2.00 5.29 -14.70
N GLY A 108 1.02 6.01 -14.13
CA GLY A 108 -0.39 5.61 -14.21
C GLY A 108 -0.77 4.45 -13.31
N MSE A 109 -0.04 4.27 -12.22
CA MSE A 109 -0.29 3.18 -11.30
C MSE A 109 -0.06 3.56 -9.87
O MSE A 109 0.64 4.52 -9.58
CB MSE A 109 0.60 2.02 -11.69
CG MSE A 109 0.15 1.51 -13.05
SE MSE A 109 0.59 -0.38 -13.23
CE MSE A 109 -0.97 -1.20 -12.38
N TYR A 110 -0.67 2.78 -8.97
CA TYR A 110 -0.57 2.96 -7.52
C TYR A 110 -0.08 1.69 -6.83
N PHE A 111 0.59 1.89 -5.69
CA PHE A 111 0.92 0.83 -4.75
C PHE A 111 0.01 1.03 -3.56
N VAL A 112 -0.74 0.00 -3.19
CA VAL A 112 -1.72 0.11 -2.10
C VAL A 112 -1.47 -0.97 -1.04
N LEU A 113 -1.88 -0.69 0.19
CA LEU A 113 -1.77 -1.65 1.30
C LEU A 113 -3.03 -1.58 2.14
N GLY A 114 -3.43 -2.71 2.74
CA GLY A 114 -4.57 -2.72 3.65
C GLY A 114 -4.12 -2.58 5.10
N ASP A 115 -4.93 -1.89 5.91
CA ASP A 115 -4.57 -1.61 7.30
C ASP A 115 -4.44 -2.89 8.15
N ASN A 116 -5.30 -3.89 7.91
CA ASN A 116 -5.16 -5.19 8.55
CA ASN A 116 -5.18 -5.20 8.52
C ASN A 116 -4.07 -5.99 7.82
N ARG A 117 -2.83 -5.50 7.98
CA ARG A 117 -1.68 -5.91 7.15
C ARG A 117 -1.44 -7.42 6.98
N PRO A 118 -1.49 -8.20 8.08
CA PRO A 118 -1.27 -9.64 7.90
C PRO A 118 -2.43 -10.42 7.26
N ARG A 119 -3.57 -9.75 7.06
CA ARG A 119 -4.75 -10.39 6.47
C ARG A 119 -5.17 -9.70 5.17
N SER A 120 -4.27 -8.89 4.62
CA SER A 120 -4.57 -8.06 3.45
C SER A 120 -3.94 -8.58 2.16
N ASP A 121 -4.80 -8.85 1.17
CA ASP A 121 -4.34 -9.05 -0.19
C ASP A 121 -4.20 -7.65 -0.78
N ASP A 122 -2.96 -7.21 -0.99
CA ASP A 122 -2.75 -5.85 -1.47
C ASP A 122 -1.55 -5.86 -2.41
N SER A 123 -0.92 -4.71 -2.65
CA SER A 123 0.12 -4.62 -3.68
C SER A 123 1.34 -5.49 -3.40
N ARG A 124 1.56 -5.83 -2.12
CA ARG A 124 2.59 -6.80 -1.78
C ARG A 124 2.41 -8.14 -2.48
N TYR A 125 1.16 -8.47 -2.84
CA TYR A 125 0.84 -9.81 -3.36
C TYR A 125 0.12 -9.84 -4.71
N PHE A 126 -0.73 -8.84 -5.01
CA PHE A 126 -1.32 -8.71 -6.36
C PHE A 126 -0.69 -7.63 -7.26
N GLY A 127 0.37 -6.97 -6.78
CA GLY A 127 1.10 -6.03 -7.62
C GLY A 127 0.43 -4.68 -7.72
N PHE A 128 0.85 -3.87 -8.68
CA PHE A 128 0.36 -2.49 -8.78
C PHE A 128 -1.08 -2.41 -9.27
N VAL A 129 -1.77 -1.33 -8.88
CA VAL A 129 -3.15 -1.08 -9.27
C VAL A 129 -3.22 0.00 -10.34
N LYS A 130 -3.96 -0.24 -11.42
CA LYS A 130 -4.12 0.80 -12.46
C LYS A 130 -4.96 1.95 -11.91
N GLN A 131 -4.41 3.16 -11.98
CA GLN A 131 -5.13 4.38 -11.61
C GLN A 131 -6.51 4.46 -12.26
N ALA A 132 -6.56 4.21 -13.56
CA ALA A 132 -7.81 4.28 -14.33
C ALA A 132 -8.92 3.37 -13.80
N SER A 133 -8.57 2.31 -13.08
CA SER A 133 -9.58 1.38 -12.53
C SER A 133 -10.12 1.81 -11.14
N VAL A 134 -9.56 2.88 -10.56
CA VAL A 134 -10.03 3.36 -9.26
C VAL A 134 -11.38 4.07 -9.42
N GLU A 135 -12.41 3.58 -8.72
CA GLU A 135 -13.77 4.13 -8.83
C GLU A 135 -14.09 5.22 -7.80
N GLY A 136 -13.27 5.36 -6.77
CA GLY A 136 -13.44 6.47 -5.85
C GLY A 136 -12.44 6.56 -4.72
N VAL A 137 -12.31 7.76 -4.17
CA VAL A 137 -11.71 7.98 -2.86
C VAL A 137 -12.82 7.85 -1.83
N LEU A 138 -12.54 7.15 -0.73
CA LEU A 138 -13.56 6.84 0.28
C LEU A 138 -13.42 7.71 1.54
N THR A 139 -14.47 8.48 1.84
CA THR A 139 -14.53 9.36 3.02
C THR A 139 -15.75 9.10 3.90
C1 EDO B . -9.67 -0.10 3.90
O1 EDO B . -10.44 -0.97 4.73
C2 EDO B . -8.27 0.11 4.50
O2 EDO B . -7.45 -1.03 4.25
C1 EDO C . 6.55 -11.41 -1.73
O1 EDO C . 6.26 -11.40 -0.32
C2 EDO C . 5.30 -11.76 -2.55
O2 EDO C . 5.09 -10.84 -3.63
#